data_6AT9
#
_entry.id   6AT9
#
_cell.length_a   81.410
_cell.length_b   81.410
_cell.length_c   118.281
_cell.angle_alpha   90.00
_cell.angle_beta   90.00
_cell.angle_gamma   120.00
#
_symmetry.space_group_name_H-M   'P 32 2 1'
#
loop_
_entity.id
_entity.type
_entity.pdbx_description
1 polymer 'HLA class I histocompatibility antigen, A-1 alpha chain'
2 polymer Beta-2-microglobulin
3 polymer ALK
#
loop_
_entity_poly.entity_id
_entity_poly.type
_entity_poly.pdbx_seq_one_letter_code
_entity_poly.pdbx_strand_id
1 'polypeptide(L)'
;MASGSHSMRYFFTSVSRPGRGEPRFIAVGYVDDTQFVRFDSDAASQKMEPRAPWIEQEGPEYWDQETRNMKAHSQTDRAN
LGTLRGYYNQSEDGSHTIQIMYGCDVGPDGRFLRGYRQDAYDGKDYIALNEDLRSWTAADMAAQITKRKWEAVHAAEQRR
VYLEGRCVDGLRRYLENGKETLQRTDPPKTHMTHHPISDHEATLRCWALGFYPAEITLTWQRDGEDQTQDTELVETRPAG
DGTFQKWAAVVVPSGEEQRYTCHVQHEGLPKPLTLRWELSSQP
;
A
2 'polypeptide(L)'
;MIQRTPKIQVYSRHPAENGKSNFLNCYVSGFHPSDIEVDLLKNGERIEKVEHSDLSFSKDWSFYLLYYTEFTPTEKDEYA
CRVNHVTLSQPKIVKWDRDM
;
B
3 'polypeptide(L)' AQDIYRASYY C
#
# COMPACT_ATOMS: atom_id res chain seq x y z
N GLY A 4 -5.61 -3.72 19.69
CA GLY A 4 -4.90 -4.96 19.97
C GLY A 4 -3.44 -4.92 19.59
N SER A 5 -3.05 -5.74 18.61
CA SER A 5 -1.68 -5.77 18.15
C SER A 5 -1.40 -4.61 17.19
N HIS A 6 -0.12 -4.33 16.98
CA HIS A 6 0.30 -3.24 16.11
C HIS A 6 1.53 -3.66 15.31
N SER A 7 1.89 -2.83 14.34
CA SER A 7 2.92 -3.15 13.37
C SER A 7 3.73 -1.91 13.05
N MET A 8 4.98 -2.12 12.63
CA MET A 8 5.75 -1.09 11.95
C MET A 8 6.50 -1.72 10.78
N ARG A 9 6.35 -1.11 9.61
CA ARG A 9 6.93 -1.61 8.37
C ARG A 9 7.70 -0.51 7.68
N TYR A 10 8.85 -0.86 7.12
CA TYR A 10 9.62 0.00 6.24
C TYR A 10 9.70 -0.67 4.89
N PHE A 11 9.26 0.05 3.85
CA PHE A 11 9.26 -0.42 2.47
C PHE A 11 10.27 0.40 1.68
N PHE A 12 11.27 -0.27 1.14
CA PHE A 12 12.32 0.36 0.34
C PHE A 12 12.25 -0.21 -1.08
N THR A 13 12.22 0.67 -2.06
CA THR A 13 12.32 0.28 -3.47
C THR A 13 13.40 1.12 -4.13
N SER A 14 14.34 0.46 -4.79
CA SER A 14 15.39 1.13 -5.54
C SER A 14 15.44 0.52 -6.93
N VAL A 15 15.17 1.33 -7.95
CA VAL A 15 15.20 0.86 -9.33
C VAL A 15 16.33 1.60 -10.06
N SER A 16 17.12 0.84 -10.80
CA SER A 16 18.28 1.41 -11.48
C SER A 16 17.86 2.08 -12.77
N ARG A 17 18.31 3.32 -12.97
CA ARG A 17 18.05 4.05 -14.20
C ARG A 17 19.28 3.98 -15.08
N PRO A 18 19.35 3.04 -16.03
CA PRO A 18 20.52 2.97 -16.92
C PRO A 18 20.45 4.08 -17.97
N GLY A 19 21.57 4.78 -18.15
CA GLY A 19 21.59 5.92 -19.04
C GLY A 19 21.28 7.22 -18.33
N ARG A 20 20.14 7.27 -17.64
CA ARG A 20 19.76 8.44 -16.84
C ARG A 20 20.41 8.30 -15.44
N GLY A 21 21.69 8.65 -15.41
CA GLY A 21 22.47 8.74 -14.18
C GLY A 21 22.28 7.57 -13.24
N GLU A 22 22.09 7.89 -11.96
CA GLU A 22 22.07 6.93 -10.88
C GLU A 22 20.68 6.31 -10.69
N PRO A 23 20.60 5.18 -9.99
CA PRO A 23 19.28 4.61 -9.66
C PRO A 23 18.45 5.59 -8.84
N ARG A 24 17.14 5.50 -9.01
CA ARG A 24 16.24 6.27 -8.15
C ARG A 24 15.74 5.35 -7.05
N PHE A 25 15.49 5.94 -5.88
CA PHE A 25 15.39 5.20 -4.64
C PHE A 25 14.33 5.86 -3.78
N ILE A 26 13.30 5.10 -3.43
CA ILE A 26 12.15 5.55 -2.65
C ILE A 26 12.06 4.69 -1.40
N ALA A 27 11.65 5.29 -0.29
CA ALA A 27 11.45 4.57 0.95
C ALA A 27 10.31 5.19 1.73
N VAL A 28 9.58 4.35 2.47
CA VAL A 28 8.37 4.78 3.14
C VAL A 28 8.20 3.99 4.44
N GLY A 29 7.73 4.67 5.48
CA GLY A 29 7.46 4.04 6.76
C GLY A 29 6.01 4.06 7.19
N TYR A 30 5.51 2.92 7.66
CA TYR A 30 4.13 2.75 8.10
C TYR A 30 4.09 2.26 9.53
N VAL A 31 3.20 2.83 10.33
CA VAL A 31 2.76 2.28 11.60
C VAL A 31 1.32 1.83 11.41
N ASP A 32 1.07 0.52 11.53
CA ASP A 32 -0.23 -0.08 11.21
C ASP A 32 -0.55 0.26 9.76
N ASP A 33 -1.67 0.91 9.46
CA ASP A 33 -2.00 1.34 8.11
C ASP A 33 -1.80 2.84 7.91
N THR A 34 -0.92 3.46 8.70
CA THR A 34 -0.74 4.91 8.72
C THR A 34 0.73 5.23 8.40
N GLN A 35 0.95 5.86 7.25
CA GLN A 35 2.29 6.30 6.89
C GLN A 35 2.73 7.46 7.79
N PHE A 36 4.04 7.57 8.01
CA PHE A 36 4.55 8.65 8.86
C PHE A 36 5.85 9.29 8.39
N VAL A 37 6.67 8.64 7.55
CA VAL A 37 7.89 9.25 7.04
C VAL A 37 8.03 8.95 5.57
N ARG A 38 8.90 9.70 4.90
CA ARG A 38 9.06 9.65 3.46
C ARG A 38 10.49 10.01 3.11
N PHE A 39 10.98 9.43 2.00
CA PHE A 39 12.22 9.90 1.38
C PHE A 39 12.20 9.54 -0.09
N ASP A 40 12.56 10.50 -0.93
CA ASP A 40 12.64 10.31 -2.37
C ASP A 40 14.05 10.68 -2.83
N SER A 41 14.65 9.84 -3.67
CA SER A 41 15.93 10.20 -4.27
C SER A 41 15.79 11.40 -5.18
N ASP A 42 14.66 11.48 -5.90
CA ASP A 42 14.37 12.62 -6.76
C ASP A 42 13.83 13.83 -6.00
N ALA A 43 13.69 13.74 -4.68
CA ALA A 43 13.17 14.85 -3.90
C ALA A 43 14.18 15.99 -3.85
N ALA A 44 13.67 17.18 -3.53
CA ALA A 44 14.54 18.34 -3.40
C ALA A 44 15.22 18.39 -2.04
N SER A 45 14.49 18.03 -0.98
CA SER A 45 15.04 18.13 0.37
C SER A 45 16.23 17.22 0.58
N GLN A 46 16.28 16.09 -0.14
CA GLN A 46 17.34 15.09 0.02
C GLN A 46 17.45 14.64 1.48
N LYS A 47 16.33 14.64 2.19
CA LYS A 47 16.29 14.34 3.61
C LYS A 47 14.95 13.70 3.93
N MET A 48 14.97 12.75 4.86
CA MET A 48 13.74 12.03 5.22
C MET A 48 12.73 13.00 5.83
N GLU A 49 11.56 13.12 5.18
CA GLU A 49 10.53 14.09 5.54
C GLU A 49 9.40 13.43 6.33
N PRO A 50 8.71 14.18 7.18
CA PRO A 50 7.56 13.64 7.90
C PRO A 50 6.26 13.78 7.13
N ARG A 51 5.40 12.78 7.28
CA ARG A 51 4.06 12.83 6.70
C ARG A 51 2.96 12.63 7.73
N ALA A 52 3.29 12.33 8.98
CA ALA A 52 2.37 12.27 10.10
C ALA A 52 2.54 13.49 10.98
N PRO A 53 1.56 13.81 11.84
CA PRO A 53 1.68 15.00 12.68
C PRO A 53 2.42 14.77 13.99
N TRP A 54 2.62 13.52 14.38
CA TRP A 54 3.23 13.22 15.68
C TRP A 54 4.73 12.94 15.60
N ILE A 55 5.29 12.76 14.40
CA ILE A 55 6.68 12.33 14.28
C ILE A 55 7.67 13.49 14.28
N GLU A 56 7.19 14.72 14.09
CA GLU A 56 8.05 15.89 14.10
C GLU A 56 8.26 16.47 15.49
N GLN A 57 7.63 15.89 16.52
CA GLN A 57 8.04 16.21 17.88
C GLN A 57 9.36 15.56 18.24
N GLU A 58 9.92 14.74 17.34
CA GLU A 58 11.28 14.25 17.48
C GLU A 58 12.25 15.30 16.97
N GLY A 59 13.25 15.63 17.78
CA GLY A 59 14.15 16.72 17.48
C GLY A 59 15.14 16.39 16.38
N PRO A 60 16.18 17.23 16.25
CA PRO A 60 17.23 16.97 15.25
C PRO A 60 18.04 15.71 15.54
N GLU A 61 17.88 15.14 16.73
CA GLU A 61 18.49 13.85 17.07
C GLU A 61 18.21 12.79 16.02
N TYR A 62 17.12 12.93 15.27
CA TYR A 62 16.41 11.84 14.63
C TYR A 62 16.41 11.92 13.12
N TRP A 63 16.14 13.10 12.56
CA TRP A 63 16.04 13.23 11.11
C TRP A 63 17.40 13.04 10.45
N ASP A 64 18.42 13.76 10.91
CA ASP A 64 19.77 13.53 10.43
C ASP A 64 20.30 12.16 10.82
N GLN A 65 19.65 11.47 11.76
CA GLN A 65 20.03 10.08 12.06
C GLN A 65 19.53 9.14 10.97
N GLU A 66 18.21 9.10 10.76
CA GLU A 66 17.65 8.15 9.80
C GLU A 66 18.05 8.49 8.38
N THR A 67 18.19 9.78 8.07
CA THR A 67 18.72 10.17 6.77
C THR A 67 20.06 9.50 6.50
N ARG A 68 20.90 9.41 7.53
CA ARG A 68 22.15 8.63 7.42
C ARG A 68 21.85 7.15 7.24
N ASN A 69 21.07 6.57 8.17
CA ASN A 69 20.76 5.14 8.16
C ASN A 69 20.23 4.68 6.82
N MET A 70 19.80 5.60 5.99
CA MET A 70 19.03 5.29 4.81
C MET A 70 19.64 5.81 3.51
N LYS A 71 20.53 6.80 3.57
CA LYS A 71 21.45 7.03 2.46
C LYS A 71 22.51 5.93 2.40
N ALA A 72 23.00 5.48 3.56
CA ALA A 72 23.86 4.31 3.58
C ALA A 72 23.16 3.10 2.97
N HIS A 73 21.88 2.90 3.34
CA HIS A 73 21.09 1.84 2.71
C HIS A 73 20.90 2.08 1.23
N SER A 74 20.87 3.34 0.80
CA SER A 74 20.72 3.65 -0.63
C SER A 74 21.95 3.21 -1.41
N GLN A 75 23.14 3.61 -0.96
CA GLN A 75 24.36 3.18 -1.64
C GLN A 75 24.52 1.66 -1.57
N THR A 76 24.18 1.06 -0.43
CA THR A 76 24.20 -0.40 -0.33
C THR A 76 23.28 -1.03 -1.37
N ASP A 77 22.11 -0.43 -1.60
CA ASP A 77 21.21 -0.96 -2.62
C ASP A 77 21.76 -0.75 -4.03
N ARG A 78 22.53 0.33 -4.24
CA ARG A 78 23.18 0.52 -5.54
C ARG A 78 24.18 -0.60 -5.81
N ALA A 79 25.14 -0.77 -4.89
CA ALA A 79 26.12 -1.85 -5.05
C ALA A 79 25.44 -3.20 -5.16
N ASN A 80 24.33 -3.40 -4.44
CA ASN A 80 23.59 -4.64 -4.54
C ASN A 80 22.96 -4.80 -5.93
N LEU A 81 22.52 -3.69 -6.53
CA LEU A 81 22.02 -3.74 -7.90
C LEU A 81 23.10 -4.22 -8.85
N GLY A 82 24.32 -3.69 -8.70
CA GLY A 82 25.42 -4.18 -9.54
C GLY A 82 25.71 -5.64 -9.30
N THR A 83 25.80 -6.05 -8.03
CA THR A 83 26.12 -7.43 -7.68
C THR A 83 25.10 -8.40 -8.27
N LEU A 84 23.81 -8.08 -8.14
CA LEU A 84 22.78 -8.94 -8.71
C LEU A 84 22.81 -8.89 -10.23
N ARG A 85 23.15 -7.74 -10.82
CA ARG A 85 23.33 -7.68 -12.27
C ARG A 85 24.37 -8.70 -12.72
N GLY A 86 25.45 -8.85 -11.95
CA GLY A 86 26.45 -9.86 -12.29
C GLY A 86 26.03 -11.27 -11.94
N TYR A 87 25.15 -11.43 -10.94
CA TYR A 87 24.89 -12.75 -10.38
C TYR A 87 24.22 -13.70 -11.39
N TYR A 88 23.38 -13.17 -12.27
CA TYR A 88 22.67 -13.99 -13.24
C TYR A 88 23.14 -13.77 -14.67
N ASN A 89 24.30 -13.14 -14.86
CA ASN A 89 24.80 -12.77 -16.17
C ASN A 89 23.75 -11.94 -16.93
N GLN A 90 23.43 -10.80 -16.36
CA GLN A 90 22.46 -9.87 -16.93
C GLN A 90 23.15 -8.67 -17.52
N SER A 91 22.44 -7.96 -18.39
CA SER A 91 23.01 -6.87 -19.16
C SER A 91 22.82 -5.54 -18.46
N GLU A 92 23.86 -4.71 -18.52
CA GLU A 92 23.85 -3.38 -17.90
C GLU A 92 22.82 -2.45 -18.54
N ASP A 93 22.27 -2.81 -19.70
CA ASP A 93 21.32 -1.94 -20.37
C ASP A 93 19.95 -1.98 -19.70
N GLY A 94 19.58 -3.10 -19.09
CA GLY A 94 18.26 -3.25 -18.54
C GLY A 94 18.08 -2.53 -17.21
N SER A 95 16.84 -2.16 -16.92
CA SER A 95 16.48 -1.53 -15.66
C SER A 95 15.91 -2.58 -14.73
N HIS A 96 16.48 -2.68 -13.53
CA HIS A 96 16.09 -3.70 -12.57
C HIS A 96 15.77 -3.04 -11.23
N THR A 97 15.06 -3.80 -10.38
CA THR A 97 14.54 -3.29 -9.12
C THR A 97 14.99 -4.16 -7.96
N ILE A 98 15.16 -3.51 -6.80
CA ILE A 98 15.43 -4.19 -5.53
C ILE A 98 14.47 -3.61 -4.50
N GLN A 99 13.78 -4.47 -3.77
CA GLN A 99 12.86 -4.00 -2.74
C GLN A 99 13.10 -4.75 -1.43
N ILE A 100 13.03 -4.02 -0.33
CA ILE A 100 13.26 -4.55 1.01
C ILE A 100 12.08 -4.16 1.88
N MET A 101 11.44 -5.14 2.50
CA MET A 101 10.45 -4.89 3.53
C MET A 101 11.04 -5.37 4.85
N TYR A 102 10.95 -4.55 5.89
CA TYR A 102 11.29 -5.08 7.20
C TYR A 102 10.52 -4.33 8.26
N GLY A 103 10.35 -4.97 9.42
CA GLY A 103 9.60 -4.35 10.48
C GLY A 103 9.34 -5.33 11.61
N CYS A 104 8.38 -4.97 12.46
CA CYS A 104 8.12 -5.77 13.64
C CYS A 104 6.67 -5.59 14.09
N ASP A 105 6.22 -6.55 14.90
CA ASP A 105 4.88 -6.55 15.48
C ASP A 105 4.97 -6.42 16.99
N VAL A 106 3.97 -5.79 17.58
CA VAL A 106 3.81 -5.77 19.03
C VAL A 106 2.40 -6.19 19.39
N GLY A 107 2.23 -6.64 20.62
CA GLY A 107 0.93 -6.99 21.14
C GLY A 107 0.32 -5.81 21.89
N PRO A 108 -0.85 -6.02 22.47
CA PRO A 108 -1.48 -4.93 23.25
C PRO A 108 -0.63 -4.47 24.41
N ASP A 109 0.18 -5.35 24.99
CA ASP A 109 1.08 -5.00 26.08
C ASP A 109 2.41 -4.44 25.60
N GLY A 110 2.60 -4.31 24.29
CA GLY A 110 3.90 -3.91 23.77
C GLY A 110 4.92 -5.01 23.74
N ARG A 111 4.48 -6.27 23.77
CA ARG A 111 5.38 -7.41 23.74
C ARG A 111 5.91 -7.61 22.31
N PHE A 112 6.82 -8.58 22.16
CA PHE A 112 7.37 -8.96 20.87
C PHE A 112 6.75 -10.27 20.43
N LEU A 113 6.35 -10.34 19.16
CA LEU A 113 5.81 -11.58 18.62
C LEU A 113 6.48 -11.97 17.31
N ARG A 114 6.89 -10.97 16.52
CA ARG A 114 7.38 -11.28 15.18
C ARG A 114 8.19 -10.12 14.63
N GLY A 115 9.25 -10.47 13.89
CA GLY A 115 9.97 -9.51 13.09
C GLY A 115 10.15 -10.04 11.68
N TYR A 116 10.26 -9.10 10.74
CA TYR A 116 10.30 -9.45 9.33
C TYR A 116 11.43 -8.72 8.62
N ARG A 117 12.04 -9.41 7.64
CA ARG A 117 12.87 -8.78 6.63
C ARG A 117 12.86 -9.67 5.40
N GLN A 118 12.45 -9.10 4.26
CA GLN A 118 12.34 -9.82 2.99
C GLN A 118 12.88 -8.93 1.88
N ASP A 119 13.56 -9.56 0.92
CA ASP A 119 14.14 -8.86 -0.21
C ASP A 119 13.63 -9.45 -1.51
N ALA A 120 13.51 -8.61 -2.53
CA ALA A 120 12.99 -9.01 -3.83
C ALA A 120 13.79 -8.35 -4.94
N TYR A 121 14.04 -9.12 -6.00
CA TYR A 121 14.74 -8.65 -7.19
C TYR A 121 13.79 -8.76 -8.38
N ASP A 122 13.36 -7.61 -8.89
CA ASP A 122 12.44 -7.55 -10.03
C ASP A 122 11.10 -8.22 -9.70
N GLY A 123 10.53 -7.84 -8.56
CA GLY A 123 9.25 -8.37 -8.13
C GLY A 123 9.26 -9.78 -7.59
N LYS A 124 10.30 -10.56 -7.90
CA LYS A 124 10.40 -11.93 -7.41
C LYS A 124 11.22 -11.96 -6.13
N ASP A 125 10.84 -12.84 -5.21
CA ASP A 125 11.51 -12.93 -3.92
C ASP A 125 12.96 -13.38 -4.10
N TYR A 126 13.86 -12.74 -3.37
CA TYR A 126 15.28 -13.08 -3.43
C TYR A 126 15.69 -13.86 -2.19
N ILE A 127 15.88 -13.16 -1.08
CA ILE A 127 16.28 -13.76 0.19
C ILE A 127 15.36 -13.21 1.28
N ALA A 128 14.99 -14.07 2.23
CA ALA A 128 14.18 -13.64 3.35
C ALA A 128 14.73 -14.22 4.64
N LEU A 129 14.47 -13.54 5.75
CA LEU A 129 14.85 -14.05 7.07
C LEU A 129 13.61 -14.60 7.76
N ASN A 130 13.72 -15.83 8.26
CA ASN A 130 12.56 -16.54 8.77
C ASN A 130 12.11 -15.96 10.12
N GLU A 131 10.95 -16.45 10.55
CA GLU A 131 10.34 -16.00 11.80
C GLU A 131 11.21 -16.28 13.00
N ASP A 132 12.11 -17.25 12.93
CA ASP A 132 12.97 -17.56 14.06
C ASP A 132 14.13 -16.58 14.20
N LEU A 133 14.32 -15.68 13.23
CA LEU A 133 15.45 -14.73 13.20
C LEU A 133 16.80 -15.43 13.27
N ARG A 134 16.85 -16.70 12.88
CA ARG A 134 18.10 -17.46 12.86
C ARG A 134 18.58 -17.68 11.43
N SER A 135 17.83 -18.43 10.63
CA SER A 135 18.26 -18.78 9.28
C SER A 135 17.52 -17.93 8.26
N TRP A 136 17.88 -18.13 6.99
CA TRP A 136 17.26 -17.44 5.87
C TRP A 136 16.72 -18.46 4.87
N THR A 137 15.91 -17.98 3.93
CA THR A 137 15.54 -18.74 2.75
C THR A 137 16.08 -18.01 1.52
N ALA A 138 16.67 -18.80 0.62
CA ALA A 138 17.15 -18.35 -0.68
C ALA A 138 16.22 -18.91 -1.74
N ALA A 139 15.59 -18.02 -2.51
CA ALA A 139 14.69 -18.47 -3.58
C ALA A 139 15.48 -19.12 -4.71
N ASP A 140 16.34 -18.35 -5.36
CA ASP A 140 17.14 -18.84 -6.47
C ASP A 140 18.46 -19.41 -5.94
N MET A 141 19.45 -19.59 -6.81
CA MET A 141 20.77 -20.07 -6.41
C MET A 141 21.77 -18.94 -6.20
N ALA A 142 21.45 -17.72 -6.65
CA ALA A 142 22.27 -16.56 -6.30
C ALA A 142 21.96 -16.07 -4.88
N ALA A 143 20.68 -16.12 -4.50
CA ALA A 143 20.35 -15.91 -3.10
C ALA A 143 21.00 -16.96 -2.20
N GLN A 144 21.53 -18.04 -2.78
CA GLN A 144 22.31 -18.99 -1.99
C GLN A 144 23.73 -18.48 -1.73
N ILE A 145 24.33 -17.75 -2.67
CA ILE A 145 25.63 -17.16 -2.39
C ILE A 145 25.47 -15.98 -1.43
N THR A 146 24.44 -15.15 -1.64
CA THR A 146 24.14 -14.12 -0.65
C THR A 146 23.84 -14.73 0.70
N LYS A 147 23.11 -15.85 0.71
CA LYS A 147 22.77 -16.53 1.96
C LYS A 147 24.03 -16.98 2.69
N ARG A 148 24.82 -17.87 2.08
CA ARG A 148 25.99 -18.42 2.76
C ARG A 148 26.95 -17.33 3.19
N LYS A 149 27.10 -16.28 2.36
CA LYS A 149 27.93 -15.16 2.78
C LYS A 149 27.36 -14.48 4.02
N TRP A 150 26.03 -14.38 4.11
CA TRP A 150 25.42 -13.78 5.29
C TRP A 150 25.52 -14.68 6.51
N GLU A 151 25.49 -16.01 6.32
CA GLU A 151 25.74 -16.92 7.42
C GLU A 151 27.16 -16.78 7.94
N ALA A 152 28.11 -16.52 7.03
CA ALA A 152 29.50 -16.35 7.44
C ALA A 152 29.66 -15.17 8.40
N VAL A 153 29.08 -14.02 8.06
CA VAL A 153 29.20 -12.83 8.90
C VAL A 153 28.08 -12.72 9.93
N HIS A 154 27.19 -13.71 10.00
CA HIS A 154 26.11 -13.75 10.98
C HIS A 154 25.24 -12.49 10.89
N ALA A 155 24.71 -12.26 9.69
CA ALA A 155 23.85 -11.09 9.47
C ALA A 155 22.51 -11.24 10.16
N ALA A 156 22.02 -12.48 10.30
CA ALA A 156 20.74 -12.71 10.95
C ALA A 156 20.76 -12.24 12.41
N GLU A 157 21.93 -12.29 13.05
CA GLU A 157 22.02 -11.80 14.42
C GLU A 157 21.94 -10.28 14.48
N GLN A 158 22.38 -9.59 13.44
CA GLN A 158 22.27 -8.13 13.43
C GLN A 158 20.86 -7.68 13.06
N ARG A 159 20.24 -8.38 12.11
CA ARG A 159 18.82 -8.12 11.87
C ARG A 159 17.99 -8.46 13.10
N ARG A 160 18.44 -9.43 13.90
CA ARG A 160 17.72 -9.76 15.13
C ARG A 160 17.92 -8.68 16.20
N VAL A 161 19.15 -8.18 16.37
CA VAL A 161 19.34 -7.14 17.38
C VAL A 161 18.54 -5.89 17.00
N TYR A 162 18.38 -5.63 15.70
CA TYR A 162 17.47 -4.53 15.34
C TYR A 162 16.02 -4.88 15.65
N LEU A 163 15.55 -6.02 15.14
CA LEU A 163 14.11 -6.31 15.20
C LEU A 163 13.61 -6.46 16.63
N GLU A 164 14.44 -6.98 17.53
CA GLU A 164 14.05 -7.04 18.94
C GLU A 164 14.39 -5.75 19.68
N GLY A 165 15.30 -4.94 19.15
CA GLY A 165 15.69 -3.71 19.80
C GLY A 165 14.87 -2.50 19.40
N ARG A 166 15.44 -1.66 18.54
CA ARG A 166 14.88 -0.33 18.30
C ARG A 166 13.57 -0.36 17.53
N CYS A 167 13.27 -1.46 16.82
CA CYS A 167 11.98 -1.55 16.14
C CYS A 167 10.84 -1.60 17.14
N VAL A 168 11.00 -2.36 18.23
CA VAL A 168 9.99 -2.40 19.27
C VAL A 168 10.03 -1.12 20.11
N ASP A 169 11.22 -0.54 20.30
CA ASP A 169 11.32 0.73 20.99
C ASP A 169 10.64 1.84 20.19
N GLY A 170 10.98 1.95 18.90
CA GLY A 170 10.34 2.94 18.07
C GLY A 170 8.84 2.71 17.94
N LEU A 171 8.42 1.47 17.77
CA LEU A 171 7.00 1.17 17.65
C LEU A 171 6.25 1.54 18.92
N ARG A 172 6.81 1.19 20.08
CA ARG A 172 6.27 1.63 21.37
C ARG A 172 6.10 3.15 21.39
N ARG A 173 7.21 3.86 21.18
CA ARG A 173 7.22 5.32 21.28
C ARG A 173 6.19 5.95 20.35
N TYR A 174 6.13 5.49 19.10
CA TYR A 174 5.20 6.07 18.13
C TYR A 174 3.75 5.73 18.48
N LEU A 175 3.53 4.53 19.01
CA LEU A 175 2.18 4.16 19.43
C LEU A 175 1.67 5.08 20.53
N GLU A 176 2.51 5.39 21.52
CA GLU A 176 2.06 6.26 22.59
C GLU A 176 2.13 7.75 22.24
N ASN A 177 2.91 8.12 21.22
CA ASN A 177 3.10 9.54 20.92
C ASN A 177 1.98 10.07 20.02
N GLY A 178 1.53 9.28 19.06
CA GLY A 178 0.36 9.64 18.28
C GLY A 178 -0.87 8.94 18.83
N LYS A 179 -1.04 9.03 20.14
CA LYS A 179 -2.06 8.22 20.82
C LYS A 179 -3.46 8.58 20.37
N GLU A 180 -3.72 9.86 20.10
CA GLU A 180 -5.04 10.26 19.63
C GLU A 180 -5.28 9.83 18.19
N THR A 181 -4.21 9.66 17.41
CA THR A 181 -4.32 9.38 15.99
C THR A 181 -4.15 7.91 15.65
N LEU A 182 -3.39 7.16 16.43
CA LEU A 182 -3.04 5.79 16.05
C LEU A 182 -3.93 4.72 16.66
N GLN A 183 -4.52 4.99 17.83
CA GLN A 183 -5.51 4.10 18.40
C GLN A 183 -6.94 4.52 18.07
N ARG A 184 -7.09 5.52 17.20
CA ARG A 184 -8.39 5.84 16.63
C ARG A 184 -8.97 4.63 15.91
N THR A 185 -10.24 4.76 15.55
CA THR A 185 -10.92 3.85 14.63
C THR A 185 -11.81 4.70 13.74
N ASP A 186 -12.61 4.03 12.91
CA ASP A 186 -13.83 4.66 12.40
C ASP A 186 -14.79 3.52 12.11
N PRO A 187 -15.86 3.39 12.89
CA PRO A 187 -16.94 2.49 12.54
C PRO A 187 -17.42 2.77 11.13
N PRO A 188 -17.22 1.83 10.21
CA PRO A 188 -17.54 2.10 8.80
C PRO A 188 -18.92 2.72 8.62
N LYS A 189 -18.96 3.92 8.06
CA LYS A 189 -20.24 4.52 7.71
C LYS A 189 -20.76 3.80 6.46
N THR A 190 -21.84 3.05 6.64
CA THR A 190 -22.35 2.15 5.62
C THR A 190 -23.65 2.69 5.05
N HIS A 191 -23.90 2.34 3.78
CA HIS A 191 -25.17 2.68 3.15
C HIS A 191 -25.37 1.84 1.91
N MET A 192 -26.63 1.50 1.64
CA MET A 192 -26.98 0.60 0.55
C MET A 192 -27.38 1.40 -0.69
N THR A 193 -27.49 0.68 -1.81
CA THR A 193 -27.79 1.29 -3.10
C THR A 193 -28.61 0.29 -3.91
N HIS A 194 -29.52 0.82 -4.73
CA HIS A 194 -30.40 -0.01 -5.55
C HIS A 194 -30.46 0.56 -6.96
N HIS A 195 -30.03 -0.23 -7.94
CA HIS A 195 -30.05 0.19 -9.35
C HIS A 195 -30.67 -0.88 -10.22
N PRO A 196 -31.89 -0.68 -10.74
CA PRO A 196 -32.45 -1.66 -11.68
C PRO A 196 -31.66 -1.72 -12.97
N ILE A 197 -31.57 -2.92 -13.53
CA ILE A 197 -31.00 -3.13 -14.86
C ILE A 197 -32.06 -3.63 -15.83
N SER A 198 -32.75 -4.71 -15.49
CA SER A 198 -33.89 -5.17 -16.25
C SER A 198 -35.16 -4.58 -15.64
N ASP A 199 -36.31 -5.05 -16.10
CA ASP A 199 -37.53 -4.95 -15.32
C ASP A 199 -37.63 -6.07 -14.31
N HIS A 200 -36.65 -6.98 -14.27
CA HIS A 200 -36.69 -8.16 -13.44
C HIS A 200 -35.47 -8.31 -12.53
N GLU A 201 -34.41 -7.53 -12.72
CA GLU A 201 -33.24 -7.60 -11.86
C GLU A 201 -32.75 -6.20 -11.55
N ALA A 202 -32.16 -6.05 -10.36
CA ALA A 202 -31.50 -4.83 -9.93
C ALA A 202 -30.15 -5.22 -9.33
N THR A 203 -29.40 -4.23 -8.89
CA THR A 203 -28.13 -4.44 -8.20
C THR A 203 -28.17 -3.70 -6.88
N LEU A 204 -27.82 -4.40 -5.80
CA LEU A 204 -27.68 -3.82 -4.48
C LEU A 204 -26.19 -3.69 -4.16
N ARG A 205 -25.77 -2.48 -3.81
CA ARG A 205 -24.38 -2.21 -3.46
C ARG A 205 -24.30 -1.82 -1.98
N CYS A 206 -23.72 -2.70 -1.18
CA CYS A 206 -23.46 -2.45 0.23
C CYS A 206 -22.17 -1.64 0.36
N TRP A 207 -22.29 -0.44 0.92
CA TRP A 207 -21.19 0.51 1.00
C TRP A 207 -20.67 0.59 2.43
N ALA A 208 -19.35 0.49 2.59
CA ALA A 208 -18.67 0.76 3.85
C ALA A 208 -17.57 1.78 3.56
N LEU A 209 -17.74 2.99 4.06
CA LEU A 209 -16.78 4.06 3.84
C LEU A 209 -16.19 4.55 5.14
N GLY A 210 -15.07 5.25 5.02
CA GLY A 210 -14.37 5.81 6.16
C GLY A 210 -14.13 4.78 7.25
N PHE A 211 -13.17 3.89 7.04
CA PHE A 211 -12.87 2.92 8.09
C PHE A 211 -11.37 2.68 8.17
N TYR A 212 -10.93 2.36 9.39
CA TYR A 212 -9.55 2.18 9.80
C TYR A 212 -9.56 1.22 10.99
N PRO A 213 -8.69 0.20 11.02
CA PRO A 213 -7.69 -0.16 10.01
C PRO A 213 -8.30 -0.71 8.73
N ALA A 214 -7.44 -1.01 7.75
CA ALA A 214 -7.91 -1.49 6.46
C ALA A 214 -8.68 -2.79 6.57
N GLU A 215 -8.42 -3.57 7.61
CA GLU A 215 -9.06 -4.87 7.77
C GLU A 215 -10.58 -4.72 7.74
N ILE A 216 -11.23 -5.58 6.96
CA ILE A 216 -12.64 -5.42 6.64
C ILE A 216 -13.17 -6.77 6.18
N THR A 217 -14.48 -6.95 6.25
CA THR A 217 -15.11 -8.15 5.73
C THR A 217 -16.56 -7.82 5.38
N LEU A 218 -16.87 -7.78 4.09
CA LEU A 218 -18.23 -7.59 3.60
C LEU A 218 -18.73 -8.93 3.08
N THR A 219 -19.95 -9.30 3.46
CA THR A 219 -20.52 -10.58 3.04
C THR A 219 -21.99 -10.43 2.71
N TRP A 220 -22.35 -10.76 1.48
CA TRP A 220 -23.75 -10.81 1.07
C TRP A 220 -24.31 -12.20 1.34
N GLN A 221 -25.55 -12.25 1.85
CA GLN A 221 -26.21 -13.50 2.20
C GLN A 221 -27.62 -13.51 1.63
N ARG A 222 -28.08 -14.72 1.29
CA ARG A 222 -29.45 -14.94 0.85
C ARG A 222 -30.14 -15.87 1.83
N ASP A 223 -31.23 -15.40 2.45
CA ASP A 223 -31.88 -16.14 3.54
C ASP A 223 -30.86 -16.53 4.60
N GLY A 224 -29.85 -15.68 4.78
CA GLY A 224 -28.75 -16.00 5.67
C GLY A 224 -27.78 -17.04 5.14
N GLU A 225 -27.93 -17.48 3.90
CA GLU A 225 -26.99 -18.38 3.27
C GLU A 225 -25.92 -17.55 2.57
N ASP A 226 -24.66 -17.78 2.93
CA ASP A 226 -23.55 -17.03 2.34
C ASP A 226 -23.58 -17.13 0.83
N GLN A 227 -23.37 -15.99 0.15
CA GLN A 227 -23.53 -15.89 -1.30
C GLN A 227 -22.17 -15.65 -1.94
N THR A 228 -21.69 -16.66 -2.67
CA THR A 228 -20.47 -16.58 -3.46
C THR A 228 -20.74 -16.51 -4.95
N GLN A 229 -21.98 -16.22 -5.35
CA GLN A 229 -22.42 -16.56 -6.69
C GLN A 229 -22.40 -15.38 -7.65
N ASP A 230 -23.35 -14.46 -7.52
CA ASP A 230 -23.43 -13.34 -8.45
C ASP A 230 -23.00 -12.04 -7.78
N THR A 231 -21.86 -12.09 -7.09
CA THR A 231 -21.37 -10.96 -6.32
C THR A 231 -20.23 -10.26 -7.03
N GLU A 232 -19.86 -9.09 -6.50
CA GLU A 232 -18.69 -8.35 -6.94
C GLU A 232 -18.10 -7.65 -5.74
N LEU A 233 -16.78 -7.79 -5.55
CA LEU A 233 -16.10 -7.30 -4.35
C LEU A 233 -14.87 -6.52 -4.76
N VAL A 234 -14.85 -5.22 -4.44
CA VAL A 234 -13.67 -4.41 -4.72
C VAL A 234 -12.57 -4.75 -3.72
N GLU A 235 -11.36 -4.35 -4.06
CA GLU A 235 -10.29 -4.29 -3.07
C GLU A 235 -10.43 -2.99 -2.29
N THR A 236 -10.10 -3.06 -1.00
CA THR A 236 -10.21 -1.88 -0.14
C THR A 236 -9.31 -0.76 -0.66
N ARG A 237 -9.90 0.42 -0.78
CA ARG A 237 -9.25 1.57 -1.39
C ARG A 237 -8.94 2.63 -0.35
N PRO A 238 -7.79 3.30 -0.45
CA PRO A 238 -7.53 4.46 0.41
C PRO A 238 -8.43 5.62 0.02
N ALA A 239 -9.20 6.13 1.00
CA ALA A 239 -10.06 7.28 0.75
C ALA A 239 -9.30 8.60 0.69
N GLY A 240 -7.96 8.55 0.65
CA GLY A 240 -7.15 9.73 0.51
C GLY A 240 -6.98 10.56 1.76
N ASP A 241 -7.31 10.03 2.93
CA ASP A 241 -7.24 10.81 4.16
C ASP A 241 -7.06 9.91 5.38
N GLY A 242 -6.19 8.90 5.27
CA GLY A 242 -5.94 7.99 6.37
C GLY A 242 -7.02 6.97 6.63
N THR A 243 -8.16 7.07 5.95
CA THR A 243 -9.26 6.12 6.08
C THR A 243 -9.54 5.50 4.71
N PHE A 244 -10.30 4.41 4.71
CA PHE A 244 -10.41 3.56 3.53
C PHE A 244 -11.87 3.26 3.21
N GLN A 245 -12.11 2.81 1.97
CA GLN A 245 -13.45 2.57 1.44
C GLN A 245 -13.53 1.16 0.86
N LYS A 246 -14.77 0.67 0.71
CA LYS A 246 -15.03 -0.64 0.14
C LYS A 246 -16.53 -0.80 -0.08
N TRP A 247 -16.90 -1.59 -1.09
CA TRP A 247 -18.30 -1.92 -1.32
C TRP A 247 -18.40 -3.32 -1.90
N ALA A 248 -19.60 -3.89 -1.82
CA ALA A 248 -19.89 -5.22 -2.36
C ALA A 248 -21.25 -5.21 -3.03
N ALA A 249 -21.31 -5.66 -4.27
CA ALA A 249 -22.54 -5.61 -5.05
C ALA A 249 -23.07 -7.02 -5.30
N VAL A 250 -24.40 -7.12 -5.43
CA VAL A 250 -25.06 -8.37 -5.78
C VAL A 250 -26.20 -8.05 -6.74
N VAL A 251 -26.50 -9.01 -7.61
CA VAL A 251 -27.58 -8.88 -8.58
C VAL A 251 -28.79 -9.62 -8.04
N VAL A 252 -29.89 -8.89 -7.84
CA VAL A 252 -31.10 -9.40 -7.21
C VAL A 252 -32.21 -9.52 -8.24
N PRO A 253 -33.03 -10.57 -8.20
CA PRO A 253 -34.28 -10.55 -8.97
C PRO A 253 -35.23 -9.52 -8.36
N SER A 254 -35.77 -8.64 -9.21
CA SER A 254 -36.64 -7.58 -8.75
C SER A 254 -37.80 -8.15 -7.92
N GLY A 255 -38.17 -7.43 -6.87
CA GLY A 255 -39.15 -7.91 -5.93
C GLY A 255 -38.61 -8.86 -4.89
N GLU A 256 -37.32 -9.20 -4.95
CA GLU A 256 -36.69 -10.08 -3.97
C GLU A 256 -35.51 -9.41 -3.28
N GLU A 257 -35.52 -8.08 -3.20
CA GLU A 257 -34.38 -7.36 -2.63
C GLU A 257 -34.24 -7.63 -1.14
N GLN A 258 -35.37 -7.78 -0.45
CA GLN A 258 -35.43 -7.92 1.01
C GLN A 258 -35.09 -9.33 1.49
N ARG A 259 -34.65 -10.21 0.59
CA ARG A 259 -34.16 -11.53 0.98
C ARG A 259 -32.66 -11.58 1.15
N TYR A 260 -31.94 -10.59 0.64
CA TYR A 260 -30.49 -10.51 0.76
C TYR A 260 -30.11 -9.56 1.89
N THR A 261 -29.02 -9.90 2.58
CA THR A 261 -28.54 -9.13 3.71
C THR A 261 -27.04 -8.94 3.60
N CYS A 262 -26.58 -7.70 3.73
CA CYS A 262 -25.16 -7.42 3.79
C CYS A 262 -24.69 -7.43 5.24
N HIS A 263 -23.50 -7.99 5.46
CA HIS A 263 -22.92 -8.11 6.79
C HIS A 263 -21.52 -7.54 6.76
N VAL A 264 -21.30 -6.47 7.51
CA VAL A 264 -20.01 -5.78 7.59
C VAL A 264 -19.32 -6.20 8.87
N GLN A 265 -18.07 -6.63 8.76
CA GLN A 265 -17.30 -7.13 9.90
C GLN A 265 -16.04 -6.29 10.06
N HIS A 266 -16.20 -5.13 10.71
CA HIS A 266 -15.07 -4.30 11.12
C HIS A 266 -14.82 -4.49 12.61
N GLU A 267 -13.55 -4.34 13.00
CA GLU A 267 -13.16 -4.60 14.38
C GLU A 267 -13.19 -3.36 15.27
N GLY A 268 -13.15 -2.17 14.68
CA GLY A 268 -13.40 -0.96 15.44
C GLY A 268 -14.90 -0.73 15.57
N LEU A 269 -15.59 -1.74 16.09
CA LEU A 269 -17.03 -1.85 15.99
C LEU A 269 -17.49 -3.05 16.80
N PRO A 270 -18.45 -2.89 17.72
CA PRO A 270 -18.67 -3.92 18.75
C PRO A 270 -19.44 -5.14 18.27
N LYS A 271 -20.39 -4.97 17.35
CA LYS A 271 -21.23 -6.07 16.91
C LYS A 271 -21.38 -6.05 15.39
N PRO A 272 -21.14 -7.19 14.72
CA PRO A 272 -21.17 -7.19 13.25
C PRO A 272 -22.53 -6.76 12.70
N LEU A 273 -22.50 -6.00 11.62
CA LEU A 273 -23.69 -5.35 11.09
C LEU A 273 -24.53 -6.34 10.27
N THR A 274 -25.75 -5.92 9.97
CA THR A 274 -26.64 -6.62 9.06
C THR A 274 -27.58 -5.60 8.46
N LEU A 275 -27.51 -5.40 7.15
CA LEU A 275 -28.29 -4.40 6.45
C LEU A 275 -29.25 -5.06 5.46
N ARG A 276 -30.36 -4.38 5.20
CA ARG A 276 -31.36 -4.85 4.26
C ARG A 276 -32.00 -3.64 3.58
N TRP A 277 -32.63 -3.88 2.45
CA TRP A 277 -33.25 -2.80 1.68
C TRP A 277 -34.54 -2.32 2.32
N MET B 1 12.19 -11.96 -16.24
CA MET B 1 11.40 -10.89 -15.64
C MET B 1 9.94 -11.02 -16.02
N ILE B 2 9.06 -10.96 -15.02
CA ILE B 2 7.62 -10.97 -15.24
C ILE B 2 7.05 -9.64 -14.76
N GLN B 3 5.98 -9.21 -15.43
CA GLN B 3 5.38 -7.91 -15.17
C GLN B 3 3.89 -8.08 -14.94
N ARG B 4 3.34 -7.24 -14.06
CA ARG B 4 1.94 -7.25 -13.70
C ARG B 4 1.28 -5.95 -14.13
N THR B 5 0.07 -6.06 -14.67
CA THR B 5 -0.69 -4.90 -15.11
C THR B 5 -1.44 -4.28 -13.93
N PRO B 6 -1.60 -2.95 -13.92
CA PRO B 6 -2.18 -2.28 -12.75
C PRO B 6 -3.70 -2.42 -12.63
N LYS B 7 -4.15 -2.57 -11.39
CA LYS B 7 -5.54 -2.38 -11.00
C LYS B 7 -5.83 -0.89 -10.93
N ILE B 8 -7.08 -0.52 -11.23
CA ILE B 8 -7.50 0.87 -11.25
C ILE B 8 -8.85 0.98 -10.56
N GLN B 9 -9.00 2.01 -9.71
CA GLN B 9 -10.28 2.37 -9.13
C GLN B 9 -10.42 3.89 -9.18
N VAL B 10 -11.52 4.37 -9.77
CA VAL B 10 -11.78 5.80 -9.90
C VAL B 10 -12.95 6.15 -8.98
N TYR B 11 -12.71 7.04 -8.02
CA TYR B 11 -13.71 7.24 -6.99
C TYR B 11 -13.51 8.58 -6.29
N SER B 12 -14.62 9.13 -5.80
CA SER B 12 -14.59 10.33 -4.98
C SER B 12 -14.26 9.97 -3.53
N ARG B 13 -13.58 10.90 -2.85
CA ARG B 13 -13.16 10.66 -1.47
C ARG B 13 -14.37 10.55 -0.55
N HIS B 14 -15.34 11.44 -0.70
CA HIS B 14 -16.59 11.42 0.05
C HIS B 14 -17.75 11.20 -0.90
N PRO B 15 -18.90 10.74 -0.41
CA PRO B 15 -20.07 10.60 -1.28
C PRO B 15 -20.37 11.89 -2.02
N ALA B 16 -20.62 11.76 -3.32
CA ALA B 16 -20.73 12.93 -4.19
C ALA B 16 -21.99 13.72 -3.89
N GLU B 17 -21.90 15.04 -4.14
CA GLU B 17 -23.04 15.93 -4.03
C GLU B 17 -22.73 17.16 -4.89
N ASN B 18 -23.67 17.51 -5.77
CA ASN B 18 -23.44 18.59 -6.71
C ASN B 18 -23.23 19.91 -5.98
N GLY B 19 -22.17 20.62 -6.33
CA GLY B 19 -21.85 21.89 -5.72
C GLY B 19 -21.05 21.83 -4.45
N LYS B 20 -20.65 20.64 -4.01
CA LYS B 20 -19.88 20.45 -2.78
C LYS B 20 -18.52 19.88 -3.13
N SER B 21 -17.46 20.45 -2.55
CA SER B 21 -16.11 20.03 -2.84
C SER B 21 -15.89 18.56 -2.52
N ASN B 22 -15.37 17.83 -3.50
CA ASN B 22 -14.89 16.46 -3.30
C ASN B 22 -13.51 16.38 -3.92
N PHE B 23 -12.89 15.21 -3.83
CA PHE B 23 -11.56 15.01 -4.39
C PHE B 23 -11.55 13.71 -5.20
N LEU B 24 -11.04 13.82 -6.42
CA LEU B 24 -11.03 12.70 -7.35
C LEU B 24 -9.82 11.82 -7.09
N ASN B 25 -10.06 10.52 -7.01
CA ASN B 25 -9.05 9.52 -6.68
C ASN B 25 -8.93 8.51 -7.80
N CYS B 26 -7.71 8.27 -8.24
CA CYS B 26 -7.37 7.13 -9.09
C CYS B 26 -6.38 6.27 -8.34
N TYR B 27 -6.77 5.03 -8.04
CA TYR B 27 -5.97 4.10 -7.26
C TYR B 27 -5.51 2.98 -8.19
N VAL B 28 -4.22 2.96 -8.48
CA VAL B 28 -3.63 1.90 -9.30
C VAL B 28 -2.77 1.03 -8.38
N SER B 29 -2.83 -0.28 -8.57
CA SER B 29 -2.17 -1.20 -7.66
C SER B 29 -1.76 -2.47 -8.41
N GLY B 30 -1.20 -3.42 -7.67
CA GLY B 30 -0.88 -4.73 -8.22
C GLY B 30 -0.03 -4.73 -9.47
N PHE B 31 0.71 -3.65 -9.73
CA PHE B 31 1.48 -3.53 -10.95
C PHE B 31 2.98 -3.65 -10.65
N HIS B 32 3.73 -4.07 -11.66
CA HIS B 32 5.18 -4.18 -11.61
C HIS B 32 5.73 -4.10 -13.03
N PRO B 33 6.76 -3.29 -13.28
CA PRO B 33 7.48 -2.45 -12.31
C PRO B 33 6.74 -1.17 -11.93
N SER B 34 7.46 -0.25 -11.30
CA SER B 34 6.87 0.93 -10.67
C SER B 34 6.70 2.11 -11.62
N ASP B 35 7.28 2.06 -12.81
CA ASP B 35 7.17 3.18 -13.75
C ASP B 35 5.77 3.20 -14.34
N ILE B 36 4.99 4.23 -14.01
CA ILE B 36 3.61 4.33 -14.44
C ILE B 36 3.25 5.80 -14.63
N GLU B 37 2.36 6.06 -15.58
CA GLU B 37 1.92 7.42 -15.87
C GLU B 37 0.41 7.51 -15.64
N VAL B 38 0.00 8.44 -14.78
CA VAL B 38 -1.39 8.61 -14.41
C VAL B 38 -1.80 10.05 -14.66
N ASP B 39 -2.87 10.24 -15.43
CA ASP B 39 -3.50 11.55 -15.61
C ASP B 39 -4.96 11.42 -15.25
N LEU B 40 -5.53 12.48 -14.67
CA LEU B 40 -6.96 12.51 -14.40
C LEU B 40 -7.61 13.63 -15.21
N LEU B 41 -8.87 13.42 -15.58
CA LEU B 41 -9.50 14.17 -16.65
C LEU B 41 -10.83 14.76 -16.19
N LYS B 42 -11.05 16.04 -16.50
CA LYS B 42 -12.38 16.64 -16.48
C LYS B 42 -12.77 16.87 -17.95
N ASN B 43 -13.62 15.98 -18.47
CA ASN B 43 -14.11 16.05 -19.84
C ASN B 43 -12.94 15.99 -20.84
N GLY B 44 -12.15 14.93 -20.72
CA GLY B 44 -11.11 14.64 -21.68
C GLY B 44 -9.87 15.49 -21.61
N GLU B 45 -9.83 16.50 -20.74
CA GLU B 45 -8.69 17.40 -20.64
C GLU B 45 -7.87 17.07 -19.40
N ARG B 46 -6.55 17.16 -19.56
CA ARG B 46 -5.63 16.82 -18.47
C ARG B 46 -5.75 17.82 -17.33
N ILE B 47 -5.97 17.32 -16.12
CA ILE B 47 -5.97 18.15 -14.92
C ILE B 47 -4.55 18.19 -14.38
N GLU B 48 -4.07 19.38 -14.01
CA GLU B 48 -2.67 19.57 -13.69
C GLU B 48 -2.39 19.43 -12.20
N LYS B 49 -3.16 20.11 -11.34
CA LYS B 49 -2.83 20.16 -9.91
C LYS B 49 -3.13 18.84 -9.20
N VAL B 50 -2.67 17.74 -9.78
CA VAL B 50 -2.90 16.41 -9.23
C VAL B 50 -1.61 15.94 -8.57
N GLU B 51 -1.65 15.77 -7.25
CA GLU B 51 -0.55 15.17 -6.52
C GLU B 51 -0.70 13.65 -6.55
N HIS B 52 0.16 12.95 -5.84
CA HIS B 52 -0.01 11.51 -5.67
C HIS B 52 0.63 11.10 -4.35
N SER B 53 0.48 9.83 -4.01
CA SER B 53 0.98 9.28 -2.77
C SER B 53 2.43 8.85 -2.92
N ASP B 54 2.99 8.31 -1.84
CA ASP B 54 4.36 7.82 -1.84
C ASP B 54 4.39 6.36 -2.27
N LEU B 55 5.43 6.00 -3.02
CA LEU B 55 5.50 4.68 -3.62
C LEU B 55 5.68 3.60 -2.54
N SER B 56 4.79 2.62 -2.53
CA SER B 56 4.86 1.49 -1.62
C SER B 56 4.52 0.23 -2.41
N PHE B 57 4.47 -0.91 -1.71
CA PHE B 57 4.12 -2.16 -2.35
C PHE B 57 3.44 -3.08 -1.34
N SER B 58 2.91 -4.19 -1.85
CA SER B 58 2.17 -5.16 -1.05
C SER B 58 3.05 -6.39 -0.80
N LYS B 59 2.44 -7.45 -0.26
CA LYS B 59 3.17 -8.67 0.04
C LYS B 59 3.70 -9.33 -1.22
N ASP B 60 2.91 -9.34 -2.30
CA ASP B 60 3.38 -9.92 -3.55
C ASP B 60 4.35 -9.02 -4.30
N TRP B 61 4.89 -8.00 -3.64
CA TRP B 61 5.89 -7.05 -4.14
C TRP B 61 5.33 -6.12 -5.22
N SER B 62 4.04 -6.17 -5.52
CA SER B 62 3.45 -5.28 -6.51
C SER B 62 3.16 -3.93 -5.88
N PHE B 63 3.34 -2.86 -6.67
CA PHE B 63 3.25 -1.50 -6.16
C PHE B 63 1.80 -1.02 -6.14
N TYR B 64 1.60 0.13 -5.49
CA TYR B 64 0.32 0.81 -5.50
C TYR B 64 0.54 2.30 -5.28
N LEU B 65 -0.34 3.10 -5.87
CA LEU B 65 -0.28 4.56 -5.78
C LEU B 65 -1.69 5.13 -5.96
N LEU B 66 -1.90 6.29 -5.33
CA LEU B 66 -3.15 7.03 -5.41
C LEU B 66 -2.84 8.43 -5.93
N TYR B 67 -3.63 8.88 -6.91
CA TYR B 67 -3.55 10.24 -7.43
C TYR B 67 -4.89 10.93 -7.16
N TYR B 68 -4.86 12.16 -6.67
CA TYR B 68 -6.07 12.85 -6.27
C TYR B 68 -6.04 14.29 -6.76
N THR B 69 -7.23 14.87 -6.89
CA THR B 69 -7.33 16.26 -7.32
C THR B 69 -8.53 16.93 -6.67
N GLU B 70 -8.37 18.22 -6.41
CA GLU B 70 -9.49 19.07 -6.06
C GLU B 70 -10.54 19.05 -7.17
N PHE B 71 -11.81 18.85 -6.81
CA PHE B 71 -12.84 18.98 -7.82
C PHE B 71 -14.20 19.07 -7.17
N THR B 72 -15.10 19.82 -7.80
CA THR B 72 -16.46 19.91 -7.28
C THR B 72 -17.40 19.19 -8.24
N PRO B 73 -17.98 18.06 -7.86
CA PRO B 73 -18.80 17.30 -8.80
C PRO B 73 -20.03 18.08 -9.23
N THR B 74 -20.19 18.21 -10.55
CA THR B 74 -21.42 18.72 -11.13
C THR B 74 -22.29 17.51 -11.50
N GLU B 75 -23.25 17.70 -12.41
CA GLU B 75 -23.91 16.57 -13.05
C GLU B 75 -23.69 16.55 -14.56
N LYS B 76 -23.15 17.63 -15.14
CA LYS B 76 -22.73 17.60 -16.54
C LYS B 76 -21.29 17.14 -16.67
N ASP B 77 -20.39 17.64 -15.81
CA ASP B 77 -19.02 17.17 -15.81
C ASP B 77 -18.94 15.79 -15.16
N GLU B 78 -18.33 14.84 -15.86
CA GLU B 78 -18.00 13.54 -15.30
C GLU B 78 -16.55 13.24 -15.65
N TYR B 79 -15.79 12.82 -14.66
CA TYR B 79 -14.33 12.79 -14.73
C TYR B 79 -13.85 11.38 -15.08
N ALA B 80 -12.56 11.29 -15.42
CA ALA B 80 -11.97 10.02 -15.84
C ALA B 80 -10.53 9.93 -15.33
N CYS B 81 -9.94 8.75 -15.52
CA CYS B 81 -8.54 8.50 -15.17
C CYS B 81 -7.89 7.68 -16.28
N ARG B 82 -6.84 8.25 -16.87
CA ARG B 82 -6.06 7.60 -17.90
C ARG B 82 -4.73 7.13 -17.30
N VAL B 83 -4.29 5.95 -17.72
CA VAL B 83 -3.08 5.32 -17.17
C VAL B 83 -2.31 4.67 -18.30
N ASN B 84 -1.00 4.85 -18.30
CA ASN B 84 -0.10 4.15 -19.22
C ASN B 84 0.96 3.43 -18.40
N HIS B 85 1.31 2.23 -18.87
CA HIS B 85 2.25 1.34 -18.17
C HIS B 85 2.83 0.39 -19.19
N VAL B 86 4.00 -0.17 -18.86
CA VAL B 86 4.73 -1.02 -19.81
C VAL B 86 3.91 -2.24 -20.21
N THR B 87 2.93 -2.64 -19.41
CA THR B 87 2.09 -3.78 -19.75
C THR B 87 0.95 -3.42 -20.68
N LEU B 88 0.73 -2.14 -20.96
CA LEU B 88 -0.41 -1.67 -21.73
C LEU B 88 0.06 -1.15 -23.08
N SER B 89 -0.44 -1.75 -24.16
CA SER B 89 -0.17 -1.22 -25.49
C SER B 89 -0.89 0.11 -25.70
N GLN B 90 -2.12 0.22 -25.21
CA GLN B 90 -2.89 1.45 -25.22
C GLN B 90 -3.16 1.90 -23.80
N PRO B 91 -3.15 3.21 -23.54
CA PRO B 91 -3.47 3.69 -22.18
C PRO B 91 -4.93 3.41 -21.84
N LYS B 92 -5.14 2.87 -20.64
CA LYS B 92 -6.47 2.58 -20.16
C LYS B 92 -7.18 3.85 -19.71
N ILE B 93 -8.47 3.95 -20.05
CA ILE B 93 -9.32 5.05 -19.63
C ILE B 93 -10.44 4.45 -18.77
N VAL B 94 -10.51 4.90 -17.52
CA VAL B 94 -11.54 4.45 -16.58
C VAL B 94 -12.25 5.71 -16.08
N LYS B 95 -13.46 5.94 -16.57
CA LYS B 95 -14.22 7.12 -16.20
C LYS B 95 -14.84 6.95 -14.81
N TRP B 96 -15.03 8.06 -14.13
CA TRP B 96 -15.56 8.03 -12.77
C TRP B 96 -17.07 7.84 -12.78
N ASP B 97 -17.56 6.98 -11.89
CA ASP B 97 -18.98 6.77 -11.66
C ASP B 97 -19.34 7.32 -10.30
N ARG B 98 -20.52 7.94 -10.20
CA ARG B 98 -20.98 8.49 -8.93
C ARG B 98 -20.99 7.44 -7.83
N ASP B 99 -21.38 6.22 -8.17
CA ASP B 99 -21.68 5.20 -7.16
C ASP B 99 -20.79 3.97 -7.33
N MET B 100 -19.49 4.17 -7.49
CA MET B 100 -18.56 3.06 -7.57
C MET B 100 -17.22 3.44 -6.92
N ALA C 1 12.05 3.92 14.05
CA ALA C 1 13.49 3.91 13.81
C ALA C 1 13.87 2.77 12.88
N GLN C 2 14.72 3.05 11.89
CA GLN C 2 15.14 2.02 10.95
C GLN C 2 16.47 1.42 11.41
N ASP C 3 17.04 0.55 10.58
CA ASP C 3 18.13 -0.32 10.98
C ASP C 3 19.48 0.31 10.70
N ILE C 4 20.48 -0.06 11.52
CA ILE C 4 21.87 0.26 11.21
C ILE C 4 22.33 -0.82 10.22
N TYR C 5 21.64 -0.86 9.10
CA TYR C 5 21.99 -1.55 7.86
C TYR C 5 23.50 -1.66 7.68
N ARG C 6 24.06 -2.87 7.81
CA ARG C 6 25.51 -3.00 7.78
C ARG C 6 25.96 -4.36 7.29
N ALA C 7 25.31 -5.43 7.73
CA ALA C 7 25.60 -6.78 7.26
C ALA C 7 24.55 -7.19 6.23
N SER C 8 24.65 -6.57 5.05
CA SER C 8 23.53 -6.62 4.11
C SER C 8 23.96 -6.43 2.66
N TYR C 9 25.17 -6.84 2.31
CA TYR C 9 25.60 -6.82 0.92
C TYR C 9 25.37 -8.19 0.30
N TYR C 10 24.94 -8.19 -0.97
CA TYR C 10 24.71 -9.44 -1.67
C TYR C 10 26.00 -9.95 -2.29
#